data_2YYS
#
_entry.id   2YYS
#
_cell.length_a   126.930
_cell.length_b   126.930
_cell.length_c   114.295
_cell.angle_alpha   90.00
_cell.angle_beta   90.00
_cell.angle_gamma   120.00
#
_symmetry.space_group_name_H-M   'P 32 2 1'
#
loop_
_entity.id
_entity.type
_entity.pdbx_description
1 polymer 'Proline iminopeptidase-related protein'
2 non-polymer GLYCEROL
3 water water
#
_entity_poly.entity_id   1
_entity_poly.type   'polypeptide(L)'
_entity_poly.pdbx_seq_one_letter_code
;MREEIGYVPVGEAELYVEDVGPVEGPALFVLHGGPGGNAYVLREGLQDYLEGFRVVYFDQRGSGRSLELPQDPRLFTVDA
LVEDTLLLAEALGVERFGLLAHGFGAVVALEVLRRFPQAEGAILLAPWVNFPWLAARLAEAAGLAPLPDPEENLKEALKR
EEPKALFDRLMFPTPRGRMAYEWLAEGAGILGSDAPGLAFLRNGLWRLDYTPYLTPERRPLYVLVGERDGTSYPYAEEVA
SRLRAPIRVLPEAGHYLWIDAPEAFEEAFKEALAALVPALRGPLVD
;
_entity_poly.pdbx_strand_id   A,B
#
# COMPACT_ATOMS: atom_id res chain seq x y z
N MET A 1 -18.75 8.94 10.68
CA MET A 1 -17.69 8.82 9.63
C MET A 1 -17.27 10.23 9.23
N ARG A 2 -15.96 10.41 9.07
CA ARG A 2 -15.42 11.68 8.62
C ARG A 2 -15.76 11.92 7.14
N GLU A 3 -16.26 13.11 6.85
CA GLU A 3 -16.59 13.51 5.50
C GLU A 3 -16.47 15.02 5.36
N GLU A 4 -15.52 15.47 4.54
CA GLU A 4 -15.25 16.89 4.32
C GLU A 4 -15.46 17.18 2.86
N ILE A 5 -16.48 17.99 2.57
CA ILE A 5 -16.88 18.34 1.24
C ILE A 5 -16.66 19.84 1.05
N GLY A 6 -16.01 20.21 -0.04
CA GLY A 6 -15.82 21.60 -0.40
C GLY A 6 -15.20 21.80 -1.77
N TYR A 7 -14.95 23.05 -2.11
CA TYR A 7 -14.19 23.37 -3.31
C TYR A 7 -12.76 23.57 -2.85
N VAL A 8 -11.84 22.87 -3.50
CA VAL A 8 -10.41 22.98 -3.23
C VAL A 8 -9.73 23.66 -4.42
N PRO A 9 -9.16 24.86 -4.22
CA PRO A 9 -8.35 25.50 -5.25
C PRO A 9 -7.10 24.68 -5.59
N VAL A 10 -6.85 24.54 -6.88
CA VAL A 10 -5.73 23.77 -7.40
C VAL A 10 -4.84 24.62 -8.33
N GLY A 11 -5.12 25.94 -8.43
CA GLY A 11 -4.36 26.84 -9.27
C GLY A 11 -5.18 27.32 -10.47
N GLU A 12 -5.25 26.49 -11.50
CA GLU A 12 -6.04 26.83 -12.68
C GLU A 12 -7.54 26.56 -12.49
N ALA A 13 -7.90 25.79 -11.46
CA ALA A 13 -9.29 25.34 -11.27
C ALA A 13 -9.65 25.18 -9.80
N GLU A 14 -10.95 25.13 -9.50
CA GLU A 14 -11.42 24.72 -8.18
C GLU A 14 -12.24 23.46 -8.34
N LEU A 15 -11.82 22.43 -7.61
CA LEU A 15 -12.41 21.10 -7.71
C LEU A 15 -13.41 20.84 -6.59
N TYR A 16 -14.54 20.26 -6.96
CA TYR A 16 -15.47 19.67 -6.00
C TYR A 16 -14.84 18.41 -5.42
N VAL A 17 -14.66 18.37 -4.11
CA VAL A 17 -13.95 17.30 -3.44
C VAL A 17 -14.79 16.76 -2.30
N GLU A 18 -14.86 15.43 -2.20
CA GLU A 18 -15.42 14.73 -1.05
C GLU A 18 -14.31 13.86 -0.48
N ASP A 19 -13.80 14.32 0.66
CA ASP A 19 -12.69 13.72 1.37
C ASP A 19 -13.29 12.91 2.51
N VAL A 20 -13.27 11.59 2.36
CA VAL A 20 -14.08 10.69 3.18
C VAL A 20 -13.24 9.64 3.88
N GLY A 21 -13.57 9.33 5.14
CA GLY A 21 -12.87 8.30 5.89
C GLY A 21 -11.78 8.86 6.81
N PRO A 22 -11.14 7.98 7.57
CA PRO A 22 -10.13 8.40 8.57
C PRO A 22 -9.03 9.24 7.93
N VAL A 23 -8.73 10.40 8.51
CA VAL A 23 -7.79 11.34 7.93
C VAL A 23 -6.35 10.78 7.82
N GLU A 24 -6.02 9.85 8.70
CA GLU A 24 -4.69 9.25 8.74
C GLU A 24 -4.67 7.86 8.11
N GLY A 25 -5.81 7.39 7.62
CA GLY A 25 -5.91 6.11 6.93
C GLY A 25 -5.19 6.12 5.58
N PRO A 26 -4.99 4.95 4.99
CA PRO A 26 -4.35 4.85 3.68
C PRO A 26 -5.21 5.52 2.62
N ALA A 27 -4.61 6.31 1.74
CA ALA A 27 -5.35 7.21 0.88
C ALA A 27 -5.55 6.65 -0.53
N LEU A 28 -6.75 6.84 -1.07
CA LEU A 28 -7.08 6.53 -2.47
C LEU A 28 -7.72 7.73 -3.11
N PHE A 29 -7.27 8.07 -4.32
CA PHE A 29 -7.88 9.10 -5.12
C PHE A 29 -8.70 8.45 -6.24
N VAL A 30 -9.89 8.99 -6.47
CA VAL A 30 -10.81 8.40 -7.45
C VAL A 30 -10.82 9.26 -8.70
N LEU A 31 -10.57 8.61 -9.82
CA LEU A 31 -10.54 9.28 -11.12
C LEU A 31 -11.73 8.81 -11.99
N HIS A 32 -12.76 9.64 -12.09
CA HIS A 32 -13.92 9.31 -12.92
C HIS A 32 -13.58 9.42 -14.41
N GLY A 33 -14.54 8.99 -15.23
CA GLY A 33 -14.37 8.94 -16.67
C GLY A 33 -15.06 10.07 -17.37
N GLY A 34 -15.26 9.93 -18.67
CA GLY A 34 -15.83 10.98 -19.48
C GLY A 34 -14.99 11.08 -20.75
N PRO A 35 -14.20 12.14 -20.93
CA PRO A 35 -14.04 13.20 -19.92
C PRO A 35 -15.29 14.08 -19.76
N GLY A 36 -15.33 14.86 -18.69
CA GLY A 36 -16.48 15.70 -18.41
C GLY A 36 -17.53 15.01 -17.56
N GLY A 37 -17.22 13.84 -17.02
CA GLY A 37 -18.12 13.16 -16.10
C GLY A 37 -18.00 13.70 -14.69
N ASN A 38 -18.35 12.85 -13.73
CA ASN A 38 -18.28 13.20 -12.31
C ASN A 38 -18.23 11.94 -11.47
N ALA A 39 -18.01 12.09 -10.16
CA ALA A 39 -17.76 10.99 -9.26
C ALA A 39 -18.98 10.53 -8.45
N TYR A 40 -20.17 10.99 -8.78
CA TYR A 40 -21.34 10.68 -7.95
C TYR A 40 -21.71 9.19 -7.99
N VAL A 41 -21.94 8.66 -9.17
CA VAL A 41 -22.36 7.25 -9.33
C VAL A 41 -21.24 6.33 -8.85
N LEU A 42 -20.02 6.73 -9.19
CA LEU A 42 -18.84 5.95 -8.84
C LEU A 42 -18.70 5.82 -7.33
N ARG A 43 -18.90 6.91 -6.61
CA ARG A 43 -18.86 6.82 -5.14
C ARG A 43 -19.95 5.89 -4.59
N GLU A 44 -21.17 6.00 -5.10
CA GLU A 44 -22.27 5.17 -4.63
C GLU A 44 -21.97 3.69 -4.84
N GLY A 45 -21.26 3.36 -5.92
CA GLY A 45 -20.89 1.98 -6.20
C GLY A 45 -19.70 1.42 -5.43
N LEU A 46 -18.76 2.27 -5.05
CA LEU A 46 -17.51 1.79 -4.46
C LEU A 46 -17.45 1.94 -2.94
N GLN A 47 -18.12 2.95 -2.39
CA GLN A 47 -17.87 3.39 -1.01
C GLN A 47 -18.08 2.29 0.04
N ASP A 48 -19.02 1.37 -0.19
CA ASP A 48 -19.29 0.28 0.76
C ASP A 48 -18.08 -0.64 0.99
N TYR A 49 -17.17 -0.68 0.02
CA TYR A 49 -15.99 -1.54 0.11
C TYR A 49 -14.75 -0.81 0.62
N LEU A 50 -14.88 0.48 0.93
CA LEU A 50 -13.72 1.35 1.15
C LEU A 50 -13.64 1.96 2.56
N GLU A 51 -14.32 1.36 3.53
CA GLU A 51 -14.24 1.86 4.90
C GLU A 51 -12.82 1.57 5.40
N GLY A 52 -12.26 2.47 6.20
CA GLY A 52 -10.86 2.33 6.56
C GLY A 52 -9.85 2.71 5.46
N PHE A 53 -10.33 3.25 4.35
CA PHE A 53 -9.47 4.06 3.50
C PHE A 53 -9.89 5.51 3.66
N ARG A 54 -8.95 6.41 3.47
CA ARG A 54 -9.27 7.79 3.20
C ARG A 54 -9.47 7.91 1.70
N VAL A 55 -10.69 8.18 1.29
CA VAL A 55 -11.02 8.21 -0.12
C VAL A 55 -11.36 9.66 -0.54
N VAL A 56 -10.67 10.11 -1.56
CA VAL A 56 -10.87 11.45 -2.09
C VAL A 56 -11.60 11.30 -3.43
N TYR A 57 -12.92 11.45 -3.37
CA TYR A 57 -13.73 11.53 -4.58
C TYR A 57 -13.68 12.97 -5.03
N PHE A 58 -13.43 13.19 -6.30
CA PHE A 58 -13.49 14.54 -6.83
C PHE A 58 -13.96 14.58 -8.26
N ASP A 59 -14.55 15.72 -8.62
CA ASP A 59 -14.90 15.99 -9.99
C ASP A 59 -13.75 16.78 -10.59
N GLN A 60 -13.36 16.40 -11.79
CA GLN A 60 -12.23 16.96 -12.47
C GLN A 60 -12.53 18.40 -12.90
N ARG A 61 -11.47 19.08 -13.32
CA ARG A 61 -11.52 20.50 -13.58
C ARG A 61 -12.65 20.80 -14.58
N GLY A 62 -13.46 21.78 -14.23
CA GLY A 62 -14.56 22.22 -15.06
C GLY A 62 -15.72 21.26 -15.21
N SER A 63 -15.61 20.09 -14.60
CA SER A 63 -16.54 19.00 -14.84
C SER A 63 -17.50 18.78 -13.67
N GLY A 64 -18.71 18.36 -13.99
CA GLY A 64 -19.69 18.00 -12.98
C GLY A 64 -19.91 19.14 -12.02
N ARG A 65 -19.66 18.89 -10.74
CA ARG A 65 -19.93 19.84 -9.67
C ARG A 65 -18.81 20.82 -9.43
N SER A 66 -17.70 20.66 -10.14
CA SER A 66 -16.58 21.59 -10.05
C SER A 66 -16.85 22.90 -10.76
N LEU A 67 -16.10 23.91 -10.36
CA LEU A 67 -16.31 25.27 -10.80
C LEU A 67 -16.02 25.44 -12.30
N GLU A 68 -16.96 26.10 -12.96
CA GLU A 68 -16.92 26.31 -14.40
C GLU A 68 -15.63 27.05 -14.76
N LEU A 69 -14.93 26.56 -15.77
CA LEU A 69 -13.67 27.15 -16.18
C LEU A 69 -13.94 28.15 -17.31
N PRO A 70 -13.02 29.11 -17.48
CA PRO A 70 -13.09 30.05 -18.60
C PRO A 70 -13.15 29.33 -19.93
N GLN A 71 -13.62 30.02 -20.97
CA GLN A 71 -13.76 29.44 -22.30
C GLN A 71 -12.38 29.37 -22.98
N ASP A 72 -11.66 28.28 -22.73
CA ASP A 72 -10.30 28.12 -23.18
C ASP A 72 -9.97 26.62 -23.27
N PRO A 73 -10.06 26.05 -24.46
CA PRO A 73 -9.82 24.61 -24.67
C PRO A 73 -8.45 24.07 -24.26
N ARG A 74 -7.46 24.95 -24.11
CA ARG A 74 -6.12 24.56 -23.70
C ARG A 74 -6.03 24.13 -22.24
N LEU A 75 -7.07 24.43 -21.47
CA LEU A 75 -7.14 24.00 -20.09
C LEU A 75 -7.44 22.50 -19.97
N PHE A 76 -7.91 21.89 -21.05
CA PHE A 76 -8.43 20.54 -21.03
C PHE A 76 -7.50 19.56 -21.73
N THR A 77 -6.53 19.06 -20.96
CA THR A 77 -5.55 18.09 -21.46
C THR A 77 -5.38 16.99 -20.41
N VAL A 78 -4.86 15.87 -20.86
CA VAL A 78 -4.50 14.78 -19.96
C VAL A 78 -3.48 15.26 -18.92
N ASP A 79 -2.46 15.99 -19.37
CA ASP A 79 -1.44 16.53 -18.47
C ASP A 79 -2.05 17.35 -17.33
N ALA A 80 -2.99 18.21 -17.66
CA ALA A 80 -3.64 19.05 -16.65
C ALA A 80 -4.42 18.20 -15.63
N LEU A 81 -5.11 17.17 -16.11
CA LEU A 81 -5.85 16.26 -15.22
C LEU A 81 -4.90 15.50 -14.28
N VAL A 82 -3.76 15.11 -14.82
CA VAL A 82 -2.75 14.41 -14.05
C VAL A 82 -2.18 15.32 -12.97
N GLU A 83 -1.80 16.52 -13.38
CA GLU A 83 -1.15 17.47 -12.48
C GLU A 83 -2.11 17.94 -11.39
N ASP A 84 -3.38 18.12 -11.76
CA ASP A 84 -4.43 18.45 -10.80
C ASP A 84 -4.51 17.40 -9.70
N THR A 85 -4.33 16.14 -10.05
CA THR A 85 -4.46 15.08 -9.07
C THR A 85 -3.39 15.26 -8.00
N LEU A 86 -2.16 15.53 -8.43
CA LEU A 86 -1.05 15.73 -7.49
C LEU A 86 -1.22 17.02 -6.70
N LEU A 87 -1.66 18.09 -7.36
CA LEU A 87 -1.88 19.36 -6.66
C LEU A 87 -2.98 19.19 -5.61
N LEU A 88 -4.00 18.40 -5.92
CA LEU A 88 -5.07 18.15 -4.96
C LEU A 88 -4.51 17.39 -3.76
N ALA A 89 -3.70 16.36 -4.02
CA ALA A 89 -3.10 15.57 -2.95
C ALA A 89 -2.27 16.45 -2.02
N GLU A 90 -1.52 17.39 -2.60
CA GLU A 90 -0.67 18.28 -1.82
C GLU A 90 -1.51 19.28 -1.02
N ALA A 91 -2.62 19.73 -1.60
CA ALA A 91 -3.53 20.65 -0.90
C ALA A 91 -4.15 19.96 0.31
N LEU A 92 -4.39 18.66 0.21
CA LEU A 92 -4.96 17.88 1.31
C LEU A 92 -3.90 17.31 2.28
N GLY A 93 -2.62 17.53 2.00
CA GLY A 93 -1.53 17.04 2.83
C GLY A 93 -1.32 15.53 2.74
N VAL A 94 -1.72 14.93 1.63
CA VAL A 94 -1.51 13.50 1.39
C VAL A 94 -0.24 13.34 0.58
N GLU A 95 0.70 12.53 1.08
CA GLU A 95 2.00 12.35 0.42
C GLU A 95 2.01 11.19 -0.55
N ARG A 96 1.52 10.05 -0.10
CA ARG A 96 1.43 8.85 -0.94
C ARG A 96 -0.03 8.39 -0.98
N PHE A 97 -0.42 7.76 -2.08
CA PHE A 97 -1.82 7.37 -2.28
C PHE A 97 -1.92 6.34 -3.39
N GLY A 98 -2.95 5.50 -3.35
CA GLY A 98 -3.36 4.70 -4.49
C GLY A 98 -4.43 5.38 -5.34
N LEU A 99 -4.77 4.73 -6.44
CA LEU A 99 -5.73 5.26 -7.38
C LEU A 99 -6.81 4.23 -7.70
N LEU A 100 -8.05 4.70 -7.79
CA LEU A 100 -9.17 3.97 -8.37
C LEU A 100 -9.62 4.77 -9.58
N ALA A 101 -9.66 4.14 -10.76
CA ALA A 101 -10.06 4.80 -12.00
C ALA A 101 -11.19 4.06 -12.70
N HIS A 102 -11.97 4.80 -13.47
CA HIS A 102 -13.05 4.23 -14.28
C HIS A 102 -13.05 4.86 -15.67
N GLY A 103 -13.15 4.02 -16.70
CA GLY A 103 -13.20 4.50 -18.07
C GLY A 103 -11.97 5.30 -18.44
N PHE A 104 -12.18 6.50 -18.98
CA PHE A 104 -11.12 7.43 -19.35
C PHE A 104 -10.22 7.78 -18.17
N GLY A 105 -10.76 7.73 -16.96
CA GLY A 105 -9.97 7.87 -15.76
C GLY A 105 -8.69 7.06 -15.78
N ALA A 106 -8.73 5.90 -16.44
CA ALA A 106 -7.56 5.02 -16.54
C ALA A 106 -6.35 5.70 -17.15
N VAL A 107 -6.53 6.46 -18.23
CA VAL A 107 -5.41 7.18 -18.85
C VAL A 107 -4.79 8.15 -17.87
N VAL A 108 -5.65 8.83 -17.11
CA VAL A 108 -5.16 9.79 -16.14
C VAL A 108 -4.39 9.04 -15.06
N ALA A 109 -4.95 7.94 -14.57
CA ALA A 109 -4.29 7.14 -13.52
C ALA A 109 -2.92 6.59 -13.95
N LEU A 110 -2.85 6.07 -15.16
CA LEU A 110 -1.61 5.53 -15.71
C LEU A 110 -0.56 6.62 -15.88
N GLU A 111 -0.98 7.81 -16.33
CA GLU A 111 -0.06 8.95 -16.42
C GLU A 111 0.38 9.44 -15.04
N VAL A 112 -0.52 9.43 -14.06
CA VAL A 112 -0.14 9.76 -12.68
C VAL A 112 0.92 8.77 -12.18
N LEU A 113 0.67 7.48 -12.36
CA LEU A 113 1.66 6.46 -11.97
C LEU A 113 3.01 6.65 -12.66
N ARG A 114 2.98 6.92 -13.96
CA ARG A 114 4.21 7.02 -14.73
C ARG A 114 5.06 8.19 -14.25
N ARG A 115 4.42 9.31 -13.98
CA ARG A 115 5.13 10.54 -13.64
C ARG A 115 5.41 10.70 -12.16
N PHE A 116 4.68 9.98 -11.30
CA PHE A 116 4.70 10.31 -9.88
C PHE A 116 4.85 9.08 -8.98
N PRO A 117 6.04 8.93 -8.38
CA PRO A 117 6.31 7.78 -7.50
C PRO A 117 5.49 7.82 -6.20
N GLN A 118 4.89 8.98 -5.90
CA GLN A 118 3.93 9.12 -4.81
C GLN A 118 2.69 8.24 -4.99
N ALA A 119 2.32 7.96 -6.24
CA ALA A 119 1.24 7.03 -6.53
C ALA A 119 1.71 5.58 -6.33
N GLU A 120 1.06 4.85 -5.43
CA GLU A 120 1.55 3.56 -4.96
C GLU A 120 0.93 2.36 -5.66
N GLY A 121 -0.14 2.59 -6.40
CA GLY A 121 -0.82 1.53 -7.12
C GLY A 121 -2.15 1.99 -7.70
N ALA A 122 -2.84 1.10 -8.40
CA ALA A 122 -4.13 1.47 -8.98
C ALA A 122 -5.02 0.28 -9.26
N ILE A 123 -6.32 0.52 -9.21
CA ILE A 123 -7.31 -0.39 -9.72
C ILE A 123 -8.00 0.35 -10.86
N LEU A 124 -7.90 -0.23 -12.05
CA LEU A 124 -8.53 0.30 -13.25
C LEU A 124 -9.83 -0.46 -13.53
N LEU A 125 -10.94 0.25 -13.38
CA LEU A 125 -12.24 -0.30 -13.69
C LEU A 125 -12.62 0.10 -15.09
N ALA A 126 -12.93 -0.90 -15.93
CA ALA A 126 -13.42 -0.61 -17.28
C ALA A 126 -12.54 0.42 -17.99
N PRO A 127 -11.25 0.16 -18.07
CA PRO A 127 -10.32 1.16 -18.61
C PRO A 127 -10.60 1.47 -20.08
N TRP A 128 -10.51 2.75 -20.43
CA TRP A 128 -10.49 3.22 -21.81
C TRP A 128 -9.07 3.75 -22.08
N VAL A 129 -8.39 3.17 -23.05
CA VAL A 129 -7.08 3.65 -23.45
C VAL A 129 -6.91 3.88 -24.94
N ASN A 130 -7.72 3.20 -25.75
CA ASN A 130 -7.60 3.25 -27.20
C ASN A 130 -8.90 3.81 -27.77
N PHE A 131 -8.89 5.11 -28.06
CA PHE A 131 -10.08 5.78 -28.56
C PHE A 131 -10.42 5.45 -30.02
N PRO A 132 -9.43 5.32 -30.91
CA PRO A 132 -9.73 4.77 -32.24
C PRO A 132 -10.46 3.44 -32.19
N TRP A 133 -10.07 2.56 -31.26
CA TRP A 133 -10.77 1.28 -31.08
C TRP A 133 -12.23 1.50 -30.66
N LEU A 134 -12.44 2.38 -29.69
CA LEU A 134 -13.80 2.70 -29.22
C LEU A 134 -14.65 3.27 -30.34
N ALA A 135 -14.04 4.10 -31.19
CA ALA A 135 -14.75 4.70 -32.32
C ALA A 135 -15.17 3.64 -33.34
N ALA A 136 -14.29 2.69 -33.60
CA ALA A 136 -14.61 1.53 -34.41
C ALA A 136 -15.79 0.77 -33.82
N ARG A 137 -15.84 0.62 -32.49
CA ARG A 137 -16.94 -0.10 -31.84
C ARG A 137 -18.28 0.63 -31.94
N LEU A 138 -18.25 1.96 -31.85
CA LEU A 138 -19.45 2.77 -32.03
C LEU A 138 -19.99 2.62 -33.47
N ALA A 139 -19.08 2.70 -34.43
CA ALA A 139 -19.45 2.58 -35.83
C ALA A 139 -20.04 1.20 -36.10
N GLU A 140 -19.38 0.18 -35.54
CA GLU A 140 -19.83 -1.20 -35.59
C GLU A 140 -21.21 -1.37 -34.96
N ALA A 141 -21.45 -0.71 -33.83
CA ALA A 141 -22.74 -0.78 -33.15
C ALA A 141 -23.84 -0.15 -33.96
N ALA A 142 -23.49 0.81 -34.81
CA ALA A 142 -24.44 1.49 -35.68
C ALA A 142 -24.65 0.77 -37.03
N GLY A 143 -24.03 -0.39 -37.21
CA GLY A 143 -24.18 -1.17 -38.43
C GLY A 143 -23.21 -0.86 -39.56
N LEU A 144 -22.12 -0.18 -39.25
CA LEU A 144 -21.14 0.27 -40.24
C LEU A 144 -19.85 -0.52 -40.14
N ALA A 145 -19.19 -0.66 -41.29
CA ALA A 145 -17.82 -1.13 -41.37
C ALA A 145 -16.93 0.02 -40.93
N PRO A 146 -16.10 -0.19 -39.91
CA PRO A 146 -15.17 0.84 -39.45
C PRO A 146 -14.21 1.34 -40.54
N LEU A 147 -14.07 2.66 -40.63
CA LEU A 147 -13.10 3.30 -41.50
C LEU A 147 -11.75 3.42 -40.77
N PRO A 148 -10.66 3.66 -41.51
CA PRO A 148 -9.35 3.89 -40.90
C PRO A 148 -9.31 5.15 -40.01
N ASP A 149 -10.10 6.17 -40.32
CA ASP A 149 -10.05 7.43 -39.59
C ASP A 149 -11.05 7.40 -38.41
N PRO A 150 -10.56 7.47 -37.17
CA PRO A 150 -11.43 7.34 -36.00
C PRO A 150 -12.46 8.46 -35.82
N GLU A 151 -12.12 9.69 -36.15
CA GLU A 151 -13.07 10.81 -36.03
C GLU A 151 -14.17 10.70 -37.08
N GLU A 152 -13.86 10.14 -38.24
CA GLU A 152 -14.86 9.82 -39.26
C GLU A 152 -15.78 8.67 -38.81
N ASN A 153 -15.24 7.69 -38.09
CA ASN A 153 -16.07 6.61 -37.55
C ASN A 153 -17.10 7.17 -36.61
N LEU A 154 -16.66 8.08 -35.73
CA LEU A 154 -17.55 8.72 -34.78
C LEU A 154 -18.64 9.52 -35.50
N LYS A 155 -18.22 10.36 -36.44
CA LYS A 155 -19.14 11.22 -37.19
C LYS A 155 -20.18 10.38 -37.95
N GLU A 156 -19.74 9.32 -38.60
CA GLU A 156 -20.64 8.46 -39.37
C GLU A 156 -21.62 7.66 -38.49
N ALA A 157 -21.15 7.23 -37.31
CA ALA A 157 -21.99 6.57 -36.33
C ALA A 157 -23.10 7.51 -35.85
N LEU A 158 -22.73 8.77 -35.60
CA LEU A 158 -23.64 9.76 -35.02
C LEU A 158 -24.63 10.31 -36.04
N LYS A 159 -24.38 10.08 -37.33
CA LYS A 159 -25.36 10.37 -38.37
C LYS A 159 -26.51 9.38 -38.30
N ARG A 160 -26.20 8.13 -37.92
CA ARG A 160 -27.21 7.06 -37.88
C ARG A 160 -28.00 7.04 -36.59
N GLU A 161 -27.32 7.26 -35.47
CA GLU A 161 -27.96 7.22 -34.15
C GLU A 161 -27.37 8.25 -33.20
N GLU A 162 -28.16 8.67 -32.22
CA GLU A 162 -27.69 9.56 -31.16
C GLU A 162 -26.60 8.87 -30.32
N PRO A 163 -25.63 9.65 -29.82
CA PRO A 163 -24.57 9.08 -28.97
C PRO A 163 -25.11 8.31 -27.76
N LYS A 164 -26.11 8.84 -27.07
CA LYS A 164 -26.67 8.15 -25.90
C LYS A 164 -27.15 6.74 -26.25
N ALA A 165 -27.86 6.60 -27.37
CA ALA A 165 -28.35 5.29 -27.81
C ALA A 165 -27.20 4.31 -28.07
N LEU A 166 -26.12 4.77 -28.69
CA LEU A 166 -25.00 3.90 -28.99
C LEU A 166 -24.23 3.54 -27.73
N PHE A 167 -23.90 4.53 -26.92
CA PHE A 167 -23.16 4.26 -25.67
C PHE A 167 -23.99 3.38 -24.73
N ASP A 168 -25.32 3.56 -24.71
CA ASP A 168 -26.18 2.78 -23.83
C ASP A 168 -26.10 1.28 -24.19
N ARG A 169 -26.07 1.00 -25.49
CA ARG A 169 -25.96 -0.37 -25.98
C ARG A 169 -24.63 -1.03 -25.58
N LEU A 170 -23.55 -0.27 -25.75
CA LEU A 170 -22.22 -0.75 -25.36
C LEU A 170 -22.12 -0.92 -23.84
N MET A 171 -22.70 0.01 -23.09
CA MET A 171 -22.52 0.05 -21.64
C MET A 171 -23.44 -0.84 -20.80
N PHE A 172 -24.66 -1.09 -21.28
CA PHE A 172 -25.71 -1.69 -20.45
C PHE A 172 -26.28 -2.96 -21.10
N PRO A 173 -25.85 -4.12 -20.62
CA PRO A 173 -26.38 -5.40 -21.14
C PRO A 173 -27.87 -5.60 -20.86
N THR A 174 -28.40 -5.04 -19.77
CA THR A 174 -29.83 -5.11 -19.45
C THR A 174 -30.51 -3.74 -19.30
N PRO A 175 -31.75 -3.62 -19.76
CA PRO A 175 -32.53 -2.40 -19.49
C PRO A 175 -32.59 -2.09 -17.99
N ARG A 176 -32.64 -3.08 -17.11
CA ARG A 176 -32.74 -2.79 -15.69
C ARG A 176 -31.47 -2.14 -15.08
N GLY A 177 -30.30 -2.53 -15.56
CA GLY A 177 -29.06 -1.87 -15.17
C GLY A 177 -29.04 -0.44 -15.66
N ARG A 178 -29.42 -0.22 -16.91
CA ARG A 178 -29.47 1.13 -17.45
C ARG A 178 -30.41 2.03 -16.65
N MET A 179 -31.61 1.53 -16.35
CA MET A 179 -32.62 2.31 -15.64
C MET A 179 -32.21 2.60 -14.20
N ALA A 180 -31.53 1.64 -13.58
CA ALA A 180 -30.96 1.86 -12.27
C ALA A 180 -29.88 2.97 -12.32
N TYR A 181 -29.08 2.96 -13.39
CA TYR A 181 -28.05 3.97 -13.55
C TYR A 181 -28.69 5.35 -13.75
N GLU A 182 -29.67 5.42 -14.63
CA GLU A 182 -30.26 6.70 -15.01
C GLU A 182 -30.99 7.34 -13.84
N TRP A 183 -31.68 6.52 -13.04
CA TRP A 183 -32.41 7.01 -11.90
C TRP A 183 -31.44 7.58 -10.85
N LEU A 184 -30.34 6.88 -10.63
CA LEU A 184 -29.33 7.31 -9.69
C LEU A 184 -28.64 8.59 -10.16
N ALA A 185 -28.25 8.62 -11.43
CA ALA A 185 -27.53 9.76 -12.01
C ALA A 185 -28.38 11.02 -12.03
N GLU A 186 -29.60 10.91 -12.53
CA GLU A 186 -30.54 12.02 -12.60
C GLU A 186 -30.95 12.50 -11.21
N GLY A 187 -31.06 11.57 -10.26
CA GLY A 187 -31.32 11.89 -8.87
C GLY A 187 -30.31 12.82 -8.21
N ALA A 188 -29.08 12.83 -8.70
CA ALA A 188 -28.03 13.70 -8.17
C ALA A 188 -28.27 15.15 -8.54
N GLY A 189 -28.95 15.38 -9.66
CA GLY A 189 -29.26 16.72 -10.12
C GLY A 189 -28.02 17.54 -10.43
N ILE A 190 -27.01 16.89 -11.01
CA ILE A 190 -25.78 17.56 -11.37
C ILE A 190 -25.93 18.03 -12.80
N LEU A 191 -25.71 19.32 -13.03
CA LEU A 191 -25.62 19.87 -14.39
C LEU A 191 -24.14 20.07 -14.71
N GLY A 192 -23.56 19.11 -15.43
CA GLY A 192 -22.17 19.20 -15.84
C GLY A 192 -21.99 20.08 -17.06
N SER A 193 -21.01 20.98 -17.01
CA SER A 193 -20.65 21.73 -18.20
C SER A 193 -20.28 20.81 -19.38
N ASP A 194 -20.67 21.24 -20.57
CA ASP A 194 -20.33 20.59 -21.82
C ASP A 194 -18.89 20.91 -22.23
N ALA A 195 -18.28 21.91 -21.60
CA ALA A 195 -17.02 22.48 -22.08
C ALA A 195 -15.83 21.51 -22.04
N PRO A 196 -15.68 20.73 -20.97
CA PRO A 196 -14.57 19.76 -20.92
C PRO A 196 -14.67 18.73 -22.03
N GLY A 197 -15.84 18.15 -22.26
CA GLY A 197 -16.00 17.16 -23.32
C GLY A 197 -15.73 17.76 -24.70
N LEU A 198 -16.29 18.94 -24.96
CA LEU A 198 -16.10 19.63 -26.23
C LEU A 198 -14.63 19.97 -26.49
N ALA A 199 -13.93 20.40 -25.45
CA ALA A 199 -12.52 20.76 -25.58
C ALA A 199 -11.66 19.52 -25.84
N PHE A 200 -11.91 18.43 -25.15
CA PHE A 200 -11.12 17.22 -25.38
C PHE A 200 -11.34 16.73 -26.82
N LEU A 201 -12.60 16.80 -27.29
CA LEU A 201 -12.97 16.43 -28.66
C LEU A 201 -12.19 17.27 -29.68
N ARG A 202 -12.22 18.58 -29.46
CA ARG A 202 -11.52 19.54 -30.31
C ARG A 202 -10.00 19.33 -30.29
N ASN A 203 -9.45 18.98 -29.12
CA ASN A 203 -8.02 18.76 -29.00
C ASN A 203 -7.54 17.38 -29.52
N GLY A 204 -8.44 16.57 -30.08
CA GLY A 204 -8.07 15.31 -30.72
C GLY A 204 -8.15 14.04 -29.87
N LEU A 205 -9.06 14.01 -28.89
CA LEU A 205 -9.17 12.87 -27.98
C LEU A 205 -9.46 11.57 -28.70
N TRP A 206 -10.31 11.62 -29.72
CA TRP A 206 -10.65 10.42 -30.48
C TRP A 206 -9.52 9.81 -31.31
N ARG A 207 -8.43 10.56 -31.50
CA ARG A 207 -7.21 10.02 -32.10
C ARG A 207 -6.28 9.38 -31.08
N LEU A 208 -6.55 9.56 -29.79
CA LEU A 208 -5.62 9.12 -28.75
C LEU A 208 -5.65 7.61 -28.59
N ASP A 209 -4.54 6.97 -28.92
CA ASP A 209 -4.30 5.59 -28.55
C ASP A 209 -3.14 5.52 -27.57
N TYR A 210 -3.46 5.40 -26.29
CA TYR A 210 -2.48 5.30 -25.23
C TYR A 210 -1.75 3.95 -25.17
N THR A 211 -2.22 2.96 -25.94
CA THR A 211 -1.66 1.60 -25.91
C THR A 211 -0.13 1.50 -25.89
N PRO A 212 0.59 2.21 -26.76
CA PRO A 212 2.05 2.04 -26.83
C PRO A 212 2.79 2.45 -25.56
N TYR A 213 2.15 3.26 -24.72
CA TYR A 213 2.76 3.75 -23.48
C TYR A 213 2.57 2.78 -22.33
N LEU A 214 1.78 1.73 -22.54
CA LEU A 214 1.60 0.67 -21.56
C LEU A 214 2.80 -0.29 -21.52
N THR A 215 3.49 -0.33 -20.40
CA THR A 215 4.58 -1.27 -20.19
C THR A 215 4.47 -1.86 -18.77
N PRO A 216 5.20 -2.96 -18.50
CA PRO A 216 5.08 -3.63 -17.20
C PRO A 216 5.27 -2.71 -16.01
N GLU A 217 4.33 -2.77 -15.09
CA GLU A 217 4.32 -1.92 -13.91
C GLU A 217 4.70 -2.75 -12.69
N ARG A 218 5.75 -2.31 -12.02
CA ARG A 218 6.23 -2.91 -10.79
C ARG A 218 5.22 -2.79 -9.66
N ARG A 219 4.65 -1.59 -9.48
CA ARG A 219 3.64 -1.36 -8.46
C ARG A 219 2.39 -2.20 -8.74
N PRO A 220 1.65 -2.53 -7.70
CA PRO A 220 0.40 -3.29 -7.83
C PRO A 220 -0.66 -2.57 -8.65
N LEU A 221 -1.17 -3.27 -9.66
CA LEU A 221 -2.12 -2.76 -10.63
C LEU A 221 -3.11 -3.89 -10.93
N TYR A 222 -4.39 -3.58 -10.96
CA TYR A 222 -5.43 -4.57 -11.22
C TYR A 222 -6.41 -4.01 -12.24
N VAL A 223 -6.90 -4.86 -13.12
CA VAL A 223 -7.91 -4.50 -14.08
C VAL A 223 -9.17 -5.31 -13.79
N LEU A 224 -10.29 -4.61 -13.63
CA LEU A 224 -11.61 -5.20 -13.46
C LEU A 224 -12.49 -4.65 -14.56
N VAL A 225 -13.19 -5.53 -15.25
CA VAL A 225 -13.99 -5.12 -16.39
C VAL A 225 -15.17 -6.06 -16.61
N GLY A 226 -16.24 -5.54 -17.18
CA GLY A 226 -17.41 -6.35 -17.47
C GLY A 226 -17.23 -7.03 -18.81
N GLU A 227 -17.55 -8.30 -18.88
CA GLU A 227 -17.50 -9.04 -20.15
C GLU A 227 -18.33 -8.41 -21.26
N ARG A 228 -19.43 -7.79 -20.87
CA ARG A 228 -20.36 -7.15 -21.80
C ARG A 228 -20.27 -5.62 -21.85
N ASP A 229 -19.16 -5.08 -21.37
CA ASP A 229 -18.85 -3.66 -21.50
C ASP A 229 -18.22 -3.45 -22.87
N GLY A 230 -19.06 -3.10 -23.85
CA GLY A 230 -18.59 -2.84 -25.20
C GLY A 230 -17.74 -1.58 -25.36
N THR A 231 -17.57 -0.77 -24.31
CA THR A 231 -16.64 0.36 -24.33
C THR A 231 -15.24 0.03 -23.84
N SER A 232 -15.04 -1.16 -23.29
CA SER A 232 -13.77 -1.53 -22.66
C SER A 232 -13.27 -2.93 -23.02
N TYR A 233 -14.18 -3.91 -23.06
CA TYR A 233 -13.83 -5.32 -23.29
C TYR A 233 -14.20 -5.71 -24.72
N PRO A 234 -13.38 -6.50 -25.42
CA PRO A 234 -12.16 -7.16 -24.91
C PRO A 234 -10.84 -6.38 -24.98
N TYR A 235 -10.82 -5.10 -25.33
CA TYR A 235 -9.54 -4.39 -25.40
C TYR A 235 -8.81 -4.35 -24.06
N ALA A 236 -9.55 -4.43 -22.95
CA ALA A 236 -8.95 -4.42 -21.63
C ALA A 236 -7.98 -5.60 -21.41
N GLU A 237 -8.12 -6.67 -22.19
CA GLU A 237 -7.14 -7.76 -22.18
C GLU A 237 -5.76 -7.28 -22.61
N GLU A 238 -5.71 -6.44 -23.65
CA GLU A 238 -4.47 -5.81 -24.10
C GLU A 238 -3.85 -4.96 -23.00
N VAL A 239 -4.68 -4.17 -22.31
CA VAL A 239 -4.22 -3.32 -21.23
C VAL A 239 -3.56 -4.15 -20.15
N ALA A 240 -4.24 -5.21 -19.74
CA ALA A 240 -3.75 -6.03 -18.66
C ALA A 240 -2.46 -6.74 -19.05
N SER A 241 -2.39 -7.23 -20.28
CA SER A 241 -1.24 -8.03 -20.69
C SER A 241 0.02 -7.15 -20.86
N ARG A 242 -0.15 -5.94 -21.37
CA ARG A 242 0.98 -5.00 -21.53
C ARG A 242 1.49 -4.47 -20.18
N LEU A 243 0.58 -4.26 -19.22
CA LEU A 243 0.91 -3.79 -17.88
C LEU A 243 1.36 -4.94 -16.97
N ARG A 244 1.11 -6.16 -17.42
CA ARG A 244 1.31 -7.39 -16.64
C ARG A 244 0.52 -7.29 -15.34
N ALA A 245 -0.74 -6.87 -15.46
CA ALA A 245 -1.65 -6.75 -14.35
C ALA A 245 -2.68 -7.88 -14.39
N PRO A 246 -3.02 -8.46 -13.25
CA PRO A 246 -4.17 -9.37 -13.22
C PRO A 246 -5.43 -8.67 -13.75
N ILE A 247 -6.23 -9.44 -14.46
CA ILE A 247 -7.51 -8.97 -14.97
C ILE A 247 -8.60 -9.92 -14.47
N ARG A 248 -9.74 -9.33 -14.07
CA ARG A 248 -10.93 -10.07 -13.73
C ARG A 248 -12.05 -9.56 -14.63
N VAL A 249 -12.66 -10.47 -15.36
CA VAL A 249 -13.73 -10.19 -16.31
C VAL A 249 -15.03 -10.74 -15.71
N LEU A 250 -15.98 -9.86 -15.39
CA LEU A 250 -17.21 -10.28 -14.72
C LEU A 250 -18.24 -10.64 -15.77
N PRO A 251 -18.76 -11.87 -15.72
CA PRO A 251 -19.81 -12.28 -16.66
C PRO A 251 -21.03 -11.38 -16.54
N GLU A 252 -21.69 -11.13 -17.67
CA GLU A 252 -22.97 -10.44 -17.70
C GLU A 252 -22.94 -9.02 -17.15
N ALA A 253 -21.76 -8.38 -17.18
CA ALA A 253 -21.64 -7.04 -16.62
C ALA A 253 -21.17 -6.08 -17.70
N GLY A 254 -21.68 -4.87 -17.61
CA GLY A 254 -21.35 -3.82 -18.55
C GLY A 254 -20.38 -2.84 -17.90
N HIS A 255 -20.49 -1.57 -18.30
CA HIS A 255 -19.58 -0.51 -17.90
C HIS A 255 -19.70 -0.14 -16.41
N TYR A 256 -20.93 -0.09 -15.91
CA TYR A 256 -21.18 0.07 -14.49
C TYR A 256 -21.31 -1.32 -13.88
N LEU A 257 -20.16 -1.97 -13.79
CA LEU A 257 -20.15 -3.40 -13.55
C LEU A 257 -20.64 -3.78 -12.15
N TRP A 258 -20.52 -2.86 -11.19
CA TRP A 258 -20.99 -3.10 -9.83
C TRP A 258 -22.53 -3.07 -9.72
N ILE A 259 -23.19 -2.39 -10.66
CA ILE A 259 -24.64 -2.38 -10.76
C ILE A 259 -25.17 -3.69 -11.37
N ASP A 260 -24.55 -4.12 -12.46
CA ASP A 260 -24.98 -5.31 -13.19
C ASP A 260 -24.67 -6.59 -12.41
N ALA A 261 -23.58 -6.61 -11.64
CA ALA A 261 -23.11 -7.82 -11.01
C ALA A 261 -22.51 -7.54 -9.63
N PRO A 262 -23.37 -7.15 -8.68
CA PRO A 262 -22.91 -6.65 -7.37
C PRO A 262 -22.06 -7.64 -6.62
N GLU A 263 -22.49 -8.90 -6.62
CA GLU A 263 -21.80 -9.98 -5.91
C GLU A 263 -20.43 -10.32 -6.50
N ALA A 264 -20.38 -10.52 -7.81
CA ALA A 264 -19.13 -10.82 -8.48
C ALA A 264 -18.17 -9.62 -8.32
N PHE A 265 -18.71 -8.41 -8.33
CA PHE A 265 -17.88 -7.21 -8.23
C PHE A 265 -17.26 -7.11 -6.85
N GLU A 266 -18.06 -7.36 -5.83
CA GLU A 266 -17.60 -7.29 -4.45
C GLU A 266 -16.41 -8.21 -4.27
N GLU A 267 -16.54 -9.44 -4.76
CA GLU A 267 -15.46 -10.43 -4.66
C GLU A 267 -14.20 -9.94 -5.40
N ALA A 268 -14.35 -9.49 -6.64
CA ALA A 268 -13.19 -9.08 -7.44
C ALA A 268 -12.56 -7.79 -6.89
N PHE A 269 -13.40 -6.86 -6.43
CA PHE A 269 -12.90 -5.57 -5.96
C PHE A 269 -12.14 -5.74 -4.64
N LYS A 270 -12.69 -6.57 -3.75
CA LYS A 270 -12.03 -6.86 -2.47
C LYS A 270 -10.69 -7.54 -2.69
N GLU A 271 -10.61 -8.43 -3.67
CA GLU A 271 -9.35 -9.06 -4.02
C GLU A 271 -8.36 -8.00 -4.53
N ALA A 272 -8.82 -7.11 -5.41
CA ALA A 272 -7.98 -6.04 -5.96
C ALA A 272 -7.43 -5.12 -4.86
N LEU A 273 -8.30 -4.73 -3.93
CA LEU A 273 -7.88 -3.85 -2.83
C LEU A 273 -6.83 -4.51 -1.95
N ALA A 274 -7.04 -5.78 -1.62
CA ALA A 274 -6.09 -6.55 -0.81
C ALA A 274 -4.72 -6.64 -1.49
N ALA A 275 -4.73 -6.78 -2.82
CA ALA A 275 -3.49 -6.87 -3.60
C ALA A 275 -2.70 -5.57 -3.69
N LEU A 276 -3.27 -4.47 -3.21
CA LEU A 276 -2.57 -3.19 -3.23
C LEU A 276 -1.47 -3.13 -2.17
N VAL A 277 -1.42 -4.12 -1.28
CA VAL A 277 -0.39 -4.21 -0.27
C VAL A 277 0.32 -5.56 -0.33
N PRO A 278 1.13 -5.79 -1.36
CA PRO A 278 1.82 -7.07 -1.54
C PRO A 278 2.91 -7.35 -0.48
N ALA A 279 3.44 -6.34 0.19
CA ALA A 279 4.37 -6.58 1.29
C ALA A 279 3.69 -7.34 2.43
N LEU A 280 2.39 -7.09 2.63
CA LEU A 280 1.61 -7.78 3.65
C LEU A 280 0.95 -9.08 3.18
N ARG A 281 0.27 -9.06 2.05
CA ARG A 281 -0.57 -10.20 1.60
C ARG A 281 0.11 -11.07 0.57
N GLY A 282 1.05 -10.49 -0.17
CA GLY A 282 1.76 -11.22 -1.21
C GLY A 282 1.26 -10.83 -2.59
N PRO A 283 1.93 -11.32 -3.62
CA PRO A 283 1.72 -10.86 -5.00
C PRO A 283 0.60 -11.59 -5.76
N LEU A 284 0.46 -11.25 -7.04
CA LEU A 284 -0.33 -12.01 -8.02
C LEU A 284 0.38 -12.01 -9.39
N MET B 1 18.26 -23.01 34.27
CA MET B 1 16.82 -22.71 34.00
C MET B 1 16.39 -23.68 32.90
N ARG B 2 15.11 -23.79 32.57
CA ARG B 2 14.76 -24.68 31.46
C ARG B 2 15.08 -23.98 30.13
N GLU B 3 15.46 -24.78 29.15
CA GLU B 3 15.82 -24.29 27.85
C GLU B 3 15.60 -25.44 26.86
N GLU B 4 14.59 -25.29 26.01
CA GLU B 4 14.28 -26.27 24.98
C GLU B 4 14.59 -25.68 23.61
N ILE B 5 15.66 -26.18 23.00
CA ILE B 5 16.10 -25.71 21.69
C ILE B 5 15.82 -26.76 20.64
N GLY B 6 15.21 -26.36 19.53
CA GLY B 6 15.07 -27.23 18.39
C GLY B 6 14.29 -26.63 17.24
N TYR B 7 13.93 -27.47 16.30
CA TYR B 7 13.22 -27.05 15.11
C TYR B 7 11.74 -27.41 15.22
N VAL B 8 10.87 -26.47 14.84
CA VAL B 8 9.42 -26.63 14.94
C VAL B 8 8.78 -26.40 13.55
N PRO B 9 8.16 -27.43 12.96
CA PRO B 9 7.42 -27.23 11.70
C PRO B 9 6.28 -26.24 11.88
N VAL B 10 6.11 -25.34 10.91
CA VAL B 10 5.10 -24.29 10.96
C VAL B 10 4.58 -24.08 9.53
N GLY B 11 3.68 -24.97 9.11
CA GLY B 11 3.20 -25.00 7.73
C GLY B 11 4.31 -25.32 6.74
N GLU B 12 4.62 -24.36 5.87
CA GLU B 12 5.55 -24.55 4.75
C GLU B 12 7.02 -24.49 5.16
N ALA B 13 7.27 -23.94 6.35
CA ALA B 13 8.63 -23.70 6.81
C ALA B 13 8.90 -24.44 8.13
N GLU B 14 10.17 -24.38 8.56
CA GLU B 14 10.61 -24.94 9.83
C GLU B 14 11.50 -23.91 10.54
N LEU B 15 11.14 -23.56 11.76
CA LEU B 15 11.80 -22.49 12.52
C LEU B 15 12.75 -23.01 13.60
N TYR B 16 13.89 -22.34 13.75
CA TYR B 16 14.76 -22.54 14.90
C TYR B 16 14.18 -21.77 16.07
N VAL B 17 14.03 -22.47 17.20
CA VAL B 17 13.35 -21.93 18.37
C VAL B 17 14.17 -22.18 19.64
N GLU B 18 14.24 -21.17 20.49
CA GLU B 18 14.83 -21.30 21.82
C GLU B 18 13.75 -20.86 22.80
N ASP B 19 13.15 -21.86 23.44
CA ASP B 19 12.06 -21.68 24.41
C ASP B 19 12.65 -21.72 25.81
N VAL B 20 12.76 -20.57 26.47
CA VAL B 20 13.50 -20.50 27.73
C VAL B 20 12.69 -19.87 28.85
N GLY B 21 13.07 -20.20 30.09
CA GLY B 21 12.38 -19.72 31.29
C GLY B 21 11.26 -20.67 31.72
N PRO B 22 10.62 -20.38 32.84
CA PRO B 22 9.61 -21.29 33.41
C PRO B 22 8.40 -21.50 32.48
N VAL B 23 8.00 -22.76 32.30
CA VAL B 23 6.91 -23.13 31.40
C VAL B 23 5.58 -22.38 31.67
N GLU B 24 5.29 -22.10 32.95
CA GLU B 24 4.04 -21.45 33.35
C GLU B 24 4.21 -19.94 33.56
N GLY B 25 5.43 -19.43 33.39
CA GLY B 25 5.69 -18.00 33.46
C GLY B 25 5.00 -17.24 32.32
N PRO B 26 4.81 -15.93 32.51
CA PRO B 26 4.18 -15.07 31.48
C PRO B 26 5.00 -15.02 30.18
N ALA B 27 4.37 -15.43 29.09
CA ALA B 27 5.03 -15.67 27.81
C ALA B 27 5.32 -14.40 27.00
N LEU B 28 6.44 -14.43 26.27
CA LEU B 28 6.87 -13.34 25.40
C LEU B 28 7.46 -13.95 24.15
N PHE B 29 7.08 -13.43 22.99
CA PHE B 29 7.64 -13.89 21.72
C PHE B 29 8.53 -12.78 21.18
N VAL B 30 9.69 -13.17 20.65
CA VAL B 30 10.68 -12.20 20.19
C VAL B 30 10.68 -12.18 18.67
N LEU B 31 10.49 -11.00 18.10
CA LEU B 31 10.42 -10.81 16.65
C LEU B 31 11.60 -9.92 16.23
N HIS B 32 12.61 -10.55 15.65
CA HIS B 32 13.82 -9.85 15.20
C HIS B 32 13.53 -9.10 13.92
N GLY B 33 14.50 -8.30 13.50
CA GLY B 33 14.37 -7.47 12.31
C GLY B 33 14.97 -8.11 11.07
N GLY B 34 15.27 -7.25 10.11
CA GLY B 34 15.83 -7.65 8.84
C GLY B 34 15.02 -6.96 7.75
N PRO B 35 14.23 -7.70 6.97
CA PRO B 35 14.04 -9.15 7.13
C PRO B 35 15.30 -9.95 6.84
N GLY B 36 15.33 -11.20 7.30
CA GLY B 36 16.47 -12.07 7.13
C GLY B 36 17.44 -12.08 8.30
N GLY B 37 17.03 -11.46 9.40
CA GLY B 37 17.84 -11.41 10.60
C GLY B 37 17.71 -12.68 11.41
N ASN B 38 18.01 -12.54 12.70
CA ASN B 38 17.95 -13.66 13.63
C ASN B 38 17.87 -13.13 15.06
N ALA B 39 17.61 -14.03 16.01
CA ALA B 39 17.37 -13.64 17.40
C ALA B 39 18.58 -13.84 18.35
N TYR B 40 19.76 -14.17 17.82
CA TYR B 40 20.94 -14.42 18.65
C TYR B 40 21.41 -13.20 19.45
N VAL B 41 21.60 -12.07 18.79
CA VAL B 41 22.04 -10.86 19.47
C VAL B 41 20.96 -10.30 20.42
N LEU B 42 19.69 -10.43 20.03
CA LEU B 42 18.58 -10.01 20.87
C LEU B 42 18.54 -10.79 22.19
N ARG B 43 18.80 -12.09 22.13
CA ARG B 43 18.80 -12.90 23.34
C ARG B 43 19.93 -12.45 24.29
N GLU B 44 21.14 -12.27 23.77
CA GLU B 44 22.26 -11.81 24.60
C GLU B 44 21.93 -10.51 25.31
N GLY B 45 21.23 -9.62 24.60
CA GLY B 45 20.99 -8.29 25.09
C GLY B 45 19.82 -8.13 26.03
N LEU B 46 18.82 -9.00 25.92
CA LEU B 46 17.57 -8.84 26.67
C LEU B 46 17.36 -9.87 27.79
N GLN B 47 17.96 -11.05 27.68
CA GLN B 47 17.67 -12.17 28.57
C GLN B 47 17.94 -11.85 30.05
N ASP B 48 18.93 -11.02 30.34
CA ASP B 48 19.26 -10.65 31.72
C ASP B 48 18.09 -9.97 32.43
N TYR B 49 17.26 -9.26 31.66
CA TYR B 49 16.13 -8.52 32.21
C TYR B 49 14.82 -9.30 32.21
N LEU B 50 14.86 -10.56 31.81
CA LEU B 50 13.65 -11.36 31.56
C LEU B 50 13.58 -12.65 32.38
N GLU B 51 14.25 -12.67 33.53
CA GLU B 51 14.13 -13.82 34.44
C GLU B 51 12.68 -13.89 34.95
N GLY B 52 12.12 -15.10 34.96
CA GLY B 52 10.73 -15.29 35.37
C GLY B 52 9.75 -15.33 34.21
N PHE B 53 10.11 -14.71 33.08
CA PHE B 53 9.30 -14.81 31.87
C PHE B 53 9.62 -16.10 31.13
N ARG B 54 8.62 -16.65 30.46
CA ARG B 54 8.84 -17.62 29.40
C ARG B 54 9.10 -16.76 28.15
N VAL B 55 10.26 -16.95 27.52
CA VAL B 55 10.65 -16.13 26.36
C VAL B 55 10.95 -17.06 25.21
N VAL B 56 10.23 -16.88 24.11
CA VAL B 56 10.46 -17.66 22.90
C VAL B 56 11.25 -16.80 21.92
N TYR B 57 12.54 -17.12 21.79
CA TYR B 57 13.39 -16.55 20.75
C TYR B 57 13.29 -17.49 19.57
N PHE B 58 13.02 -16.94 18.39
CA PHE B 58 13.08 -17.75 17.19
C PHE B 58 13.55 -16.95 15.99
N ASP B 59 14.08 -17.67 15.02
CA ASP B 59 14.44 -17.10 13.74
C ASP B 59 13.28 -17.32 12.82
N GLN B 60 12.80 -16.22 12.26
CA GLN B 60 11.72 -16.25 11.28
C GLN B 60 12.07 -17.15 10.09
N ARG B 61 11.05 -17.47 9.31
CA ARG B 61 11.17 -18.46 8.24
C ARG B 61 12.22 -18.10 7.21
N GLY B 62 12.98 -19.12 6.80
CA GLY B 62 14.09 -18.96 5.88
C GLY B 62 15.26 -18.14 6.39
N SER B 63 15.16 -17.63 7.62
CA SER B 63 16.09 -16.62 8.13
C SER B 63 17.02 -17.21 9.18
N GLY B 64 18.27 -16.74 9.18
CA GLY B 64 19.24 -17.15 10.18
C GLY B 64 19.42 -18.66 10.25
N ARG B 65 19.15 -19.21 11.43
CA ARG B 65 19.32 -20.64 11.70
C ARG B 65 18.13 -21.48 11.25
N SER B 66 17.01 -20.86 10.90
CA SER B 66 15.87 -21.60 10.36
C SER B 66 16.21 -22.17 8.98
N LEU B 67 15.48 -23.20 8.57
CA LEU B 67 15.81 -23.92 7.35
C LEU B 67 15.54 -23.06 6.11
N GLU B 68 16.47 -23.14 5.17
CA GLU B 68 16.41 -22.36 3.96
C GLU B 68 15.15 -22.64 3.15
N LEU B 69 14.53 -21.57 2.66
CA LEU B 69 13.44 -21.66 1.71
C LEU B 69 13.92 -21.12 0.37
N PRO B 70 13.27 -21.52 -0.73
CA PRO B 70 13.51 -20.88 -2.02
C PRO B 70 13.15 -19.39 -1.96
N GLN B 71 13.73 -18.61 -2.86
CA GLN B 71 13.44 -17.18 -2.97
C GLN B 71 12.14 -16.97 -3.76
N ASP B 72 11.03 -17.19 -3.05
CA ASP B 72 9.70 -17.24 -3.62
C ASP B 72 8.92 -16.16 -2.90
N PRO B 73 8.61 -15.07 -3.60
CA PRO B 73 7.78 -13.99 -3.06
C PRO B 73 6.49 -14.44 -2.33
N ARG B 74 5.89 -15.54 -2.75
CA ARG B 74 4.69 -16.07 -2.09
C ARG B 74 4.98 -16.48 -0.64
N LEU B 75 6.19 -16.97 -0.39
CA LEU B 75 6.59 -17.42 0.94
C LEU B 75 6.96 -16.28 1.88
N PHE B 76 7.29 -15.10 1.35
CA PHE B 76 7.85 -14.02 2.16
C PHE B 76 7.00 -12.77 2.20
N THR B 77 6.03 -12.78 3.10
CA THR B 77 5.09 -11.69 3.29
C THR B 77 4.91 -11.48 4.77
N VAL B 78 4.43 -10.31 5.16
CA VAL B 78 4.20 -10.04 6.56
C VAL B 78 3.12 -10.98 7.11
N ASP B 79 2.11 -11.34 6.29
CA ASP B 79 1.02 -12.22 6.71
C ASP B 79 1.56 -13.58 7.13
N ALA B 80 2.47 -14.11 6.33
CA ALA B 80 3.15 -15.39 6.61
C ALA B 80 3.97 -15.37 7.90
N LEU B 81 4.68 -14.28 8.17
CA LEU B 81 5.47 -14.17 9.41
C LEU B 81 4.54 -14.07 10.63
N VAL B 82 3.48 -13.29 10.48
CA VAL B 82 2.45 -13.17 11.50
C VAL B 82 1.84 -14.55 11.82
N GLU B 83 1.44 -15.26 10.77
CA GLU B 83 0.77 -16.55 10.93
C GLU B 83 1.73 -17.60 11.49
N ASP B 84 3.01 -17.48 11.15
CA ASP B 84 4.05 -18.34 11.71
C ASP B 84 4.13 -18.21 13.22
N THR B 85 3.96 -16.98 13.70
CA THR B 85 4.05 -16.68 15.12
C THR B 85 2.93 -17.36 15.90
N LEU B 86 1.71 -17.35 15.35
CA LEU B 86 0.61 -17.99 16.09
C LEU B 86 0.63 -19.48 15.90
N LEU B 87 1.12 -20.00 14.78
CA LEU B 87 1.30 -21.44 14.66
C LEU B 87 2.38 -21.96 15.64
N LEU B 88 3.37 -21.12 15.95
CA LEU B 88 4.44 -21.50 16.88
C LEU B 88 3.92 -21.48 18.31
N ALA B 89 3.17 -20.45 18.67
CA ALA B 89 2.54 -20.34 19.99
C ALA B 89 1.68 -21.57 20.25
N GLU B 90 0.82 -21.87 19.28
CA GLU B 90 -0.07 -23.03 19.32
C GLU B 90 0.69 -24.36 19.44
N ALA B 91 1.83 -24.49 18.76
CA ALA B 91 2.62 -25.72 18.82
C ALA B 91 3.34 -25.89 20.18
N LEU B 92 3.61 -24.77 20.86
CA LEU B 92 4.21 -24.76 22.19
C LEU B 92 3.19 -24.69 23.33
N GLY B 93 1.90 -24.71 22.99
CA GLY B 93 0.83 -24.62 23.97
C GLY B 93 0.70 -23.29 24.69
N VAL B 94 1.20 -22.21 24.10
CA VAL B 94 0.96 -20.86 24.64
C VAL B 94 -0.33 -20.29 24.04
N GLU B 95 -1.17 -19.71 24.90
CA GLU B 95 -2.45 -19.17 24.47
C GLU B 95 -2.50 -17.64 24.56
N ARG B 96 -1.87 -17.08 25.58
CA ARG B 96 -1.76 -15.63 25.74
C ARG B 96 -0.29 -15.22 25.87
N PHE B 97 0.09 -14.12 25.23
CA PHE B 97 1.49 -13.72 25.14
C PHE B 97 1.70 -12.25 24.79
N GLY B 98 2.86 -11.73 25.19
CA GLY B 98 3.31 -10.40 24.77
C GLY B 98 4.32 -10.53 23.64
N LEU B 99 4.75 -9.39 23.09
CA LEU B 99 5.70 -9.39 21.99
C LEU B 99 6.86 -8.44 22.28
N LEU B 100 8.06 -8.91 21.97
CA LEU B 100 9.25 -8.07 21.99
C LEU B 100 9.72 -8.00 20.55
N ALA B 101 9.76 -6.80 19.99
CA ALA B 101 10.06 -6.61 18.57
C ALA B 101 11.23 -5.67 18.38
N HIS B 102 12.01 -5.90 17.33
CA HIS B 102 13.15 -5.04 17.01
C HIS B 102 13.12 -4.68 15.51
N GLY B 103 13.20 -3.40 15.17
CA GLY B 103 13.28 -3.00 13.78
C GLY B 103 12.07 -3.43 12.96
N PHE B 104 12.31 -4.14 11.87
CA PHE B 104 11.27 -4.66 10.98
C PHE B 104 10.27 -5.56 11.74
N GLY B 105 10.75 -6.19 12.80
CA GLY B 105 9.91 -6.96 13.72
C GLY B 105 8.67 -6.21 14.19
N ALA B 106 8.79 -4.90 14.35
CA ALA B 106 7.68 -4.04 14.73
C ALA B 106 6.46 -4.18 13.83
N VAL B 107 6.66 -4.32 12.52
CA VAL B 107 5.54 -4.47 11.60
C VAL B 107 4.85 -5.80 11.81
N VAL B 108 5.64 -6.85 12.00
CA VAL B 108 5.10 -8.18 12.28
C VAL B 108 4.31 -8.13 13.59
N ALA B 109 4.85 -7.41 14.57
CA ALA B 109 4.25 -7.35 15.90
C ALA B 109 2.92 -6.61 15.87
N LEU B 110 2.88 -5.54 15.09
CA LEU B 110 1.69 -4.70 15.00
C LEU B 110 0.58 -5.43 14.28
N GLU B 111 0.95 -6.29 13.34
CA GLU B 111 -0.02 -7.10 12.63
C GLU B 111 -0.52 -8.28 13.49
N VAL B 112 0.35 -8.84 14.32
CA VAL B 112 -0.03 -9.91 15.25
C VAL B 112 -1.07 -9.32 16.21
N LEU B 113 -0.80 -8.11 16.68
CA LEU B 113 -1.69 -7.41 17.61
C LEU B 113 -3.05 -7.16 16.96
N ARG B 114 -3.05 -6.53 15.80
CA ARG B 114 -4.28 -6.19 15.08
C ARG B 114 -5.20 -7.39 14.87
N ARG B 115 -4.62 -8.54 14.53
CA ARG B 115 -5.37 -9.70 14.10
C ARG B 115 -5.68 -10.73 15.20
N PHE B 116 -5.01 -10.63 16.34
CA PHE B 116 -5.11 -11.66 17.37
C PHE B 116 -5.18 -11.03 18.76
N PRO B 117 -6.36 -11.04 19.39
CA PRO B 117 -6.52 -10.44 20.72
C PRO B 117 -5.81 -11.23 21.83
N GLN B 118 -5.49 -12.49 21.52
CA GLN B 118 -4.62 -13.36 22.31
C GLN B 118 -3.27 -12.70 22.65
N ALA B 119 -2.75 -11.87 21.73
CA ALA B 119 -1.56 -11.06 21.98
C ALA B 119 -1.92 -9.85 22.83
N GLU B 120 -1.33 -9.76 24.03
CA GLU B 120 -1.80 -8.87 25.10
C GLU B 120 -1.07 -7.54 25.19
N GLY B 121 0.01 -7.40 24.42
CA GLY B 121 0.80 -6.17 24.43
C GLY B 121 2.16 -6.36 23.76
N ALA B 122 2.93 -5.28 23.71
CA ALA B 122 4.22 -5.32 23.02
C ALA B 122 5.16 -4.25 23.49
N ILE B 123 6.45 -4.55 23.41
CA ILE B 123 7.50 -3.55 23.52
C ILE B 123 8.19 -3.52 22.15
N LEU B 124 8.14 -2.36 21.51
CA LEU B 124 8.72 -2.18 20.19
C LEU B 124 10.04 -1.46 20.36
N LEU B 125 11.11 -2.19 20.10
CA LEU B 125 12.46 -1.66 20.16
C LEU B 125 12.86 -1.16 18.78
N ALA B 126 13.16 0.13 18.68
CA ALA B 126 13.65 0.72 17.43
C ALA B 126 12.74 0.31 16.25
N PRO B 127 11.45 0.65 16.30
CA PRO B 127 10.52 0.18 15.28
C PRO B 127 10.84 0.71 13.90
N TRP B 128 10.72 -0.17 12.91
CA TRP B 128 10.70 0.20 11.51
C TRP B 128 9.26 0.10 11.02
N VAL B 129 8.73 1.21 10.53
CA VAL B 129 7.33 1.29 10.14
C VAL B 129 7.15 1.90 8.75
N ASN B 130 7.91 2.96 8.46
CA ASN B 130 7.81 3.71 7.22
C ASN B 130 9.08 3.45 6.40
N PHE B 131 9.00 2.54 5.43
CA PHE B 131 10.18 2.18 4.67
C PHE B 131 10.62 3.27 3.71
N PRO B 132 9.70 4.00 3.07
CA PRO B 132 10.07 5.21 2.33
C PRO B 132 10.89 6.22 3.14
N TRP B 133 10.53 6.41 4.41
CA TRP B 133 11.31 7.27 5.30
C TRP B 133 12.71 6.71 5.50
N LEU B 134 12.81 5.41 5.77
CA LEU B 134 14.11 4.76 5.97
C LEU B 134 14.95 4.88 4.70
N ALA B 135 14.34 4.72 3.54
CA ALA B 135 15.04 4.82 2.27
C ALA B 135 15.63 6.23 2.09
N ALA B 136 14.85 7.24 2.47
CA ALA B 136 15.32 8.62 2.43
C ALA B 136 16.50 8.81 3.40
N ARG B 137 16.42 8.24 4.59
CA ARG B 137 17.55 8.29 5.52
C ARG B 137 18.82 7.58 4.99
N LEU B 138 18.65 6.47 4.30
CA LEU B 138 19.79 5.80 3.69
C LEU B 138 20.42 6.65 2.59
N ALA B 139 19.61 7.30 1.78
CA ALA B 139 20.11 8.22 0.76
C ALA B 139 20.92 9.36 1.39
N GLU B 140 20.42 9.95 2.46
CA GLU B 140 21.16 10.99 3.20
C GLU B 140 22.50 10.49 3.74
N ALA B 141 22.50 9.29 4.28
CA ALA B 141 23.71 8.67 4.80
C ALA B 141 24.74 8.50 3.69
N ALA B 142 24.29 8.36 2.45
CA ALA B 142 25.16 8.26 1.29
C ALA B 142 25.56 9.62 0.69
N GLY B 143 25.16 10.72 1.34
CA GLY B 143 25.48 12.07 0.90
C GLY B 143 24.57 12.64 -0.20
N LEU B 144 23.36 12.09 -0.33
CA LEU B 144 22.44 12.48 -1.38
C LEU B 144 21.26 13.21 -0.80
N ALA B 145 20.65 14.09 -1.60
CA ALA B 145 19.38 14.70 -1.22
C ALA B 145 18.28 13.69 -1.56
N PRO B 146 17.41 13.38 -0.60
CA PRO B 146 16.33 12.41 -0.85
C PRO B 146 15.32 12.96 -1.85
N LEU B 147 14.90 12.08 -2.75
CA LEU B 147 13.84 12.35 -3.71
C LEU B 147 12.57 11.75 -3.13
N PRO B 148 11.40 12.10 -3.69
CA PRO B 148 10.14 11.55 -3.18
C PRO B 148 9.84 10.17 -3.80
N ASP B 149 10.90 9.46 -4.16
CA ASP B 149 10.85 8.15 -4.79
C ASP B 149 11.68 7.18 -3.92
N PRO B 150 11.03 6.32 -3.14
CA PRO B 150 11.76 5.44 -2.22
C PRO B 150 12.71 4.48 -2.90
N GLU B 151 12.33 3.91 -4.03
CA GLU B 151 13.17 2.90 -4.66
C GLU B 151 14.35 3.55 -5.37
N GLU B 152 14.16 4.78 -5.85
CA GLU B 152 15.26 5.56 -6.40
C GLU B 152 16.24 5.97 -5.28
N ASN B 153 15.73 6.35 -4.11
CA ASN B 153 16.57 6.68 -2.97
C ASN B 153 17.48 5.50 -2.59
N LEU B 154 16.88 4.33 -2.44
CA LEU B 154 17.62 3.13 -2.07
C LEU B 154 18.65 2.75 -3.15
N LYS B 155 18.21 2.76 -4.40
CA LYS B 155 19.06 2.39 -5.54
C LYS B 155 20.27 3.31 -5.64
N GLU B 156 20.06 4.61 -5.55
CA GLU B 156 21.16 5.55 -5.69
C GLU B 156 22.11 5.48 -4.49
N ALA B 157 21.58 5.22 -3.30
CA ALA B 157 22.42 5.10 -2.11
C ALA B 157 23.33 3.90 -2.26
N LEU B 158 22.77 2.77 -2.70
CA LEU B 158 23.50 1.51 -2.80
C LEU B 158 24.46 1.48 -3.99
N LYS B 159 24.26 2.42 -4.91
CA LYS B 159 25.14 2.58 -6.05
C LYS B 159 26.49 3.14 -5.55
N ARG B 160 26.42 4.06 -4.59
CA ARG B 160 27.61 4.72 -4.05
C ARG B 160 28.35 3.94 -2.95
N GLU B 161 27.61 3.20 -2.15
CA GLU B 161 28.20 2.52 -0.99
C GLU B 161 27.55 1.17 -0.73
N GLU B 162 28.29 0.28 -0.09
CA GLU B 162 27.76 -1.02 0.29
C GLU B 162 26.70 -0.83 1.38
N PRO B 163 25.71 -1.70 1.44
CA PRO B 163 24.64 -1.56 2.43
C PRO B 163 25.15 -1.56 3.88
N LYS B 164 26.11 -2.42 4.21
CA LYS B 164 26.71 -2.40 5.54
C LYS B 164 27.20 -1.01 5.95
N ALA B 165 27.86 -0.29 5.06
CA ALA B 165 28.39 1.01 5.43
C ALA B 165 27.27 2.04 5.71
N LEU B 166 26.20 1.98 4.93
CA LEU B 166 25.10 2.92 5.09
C LEU B 166 24.35 2.62 6.38
N PHE B 167 24.03 1.35 6.60
CA PHE B 167 23.28 0.94 7.76
C PHE B 167 24.11 1.16 9.04
N ASP B 168 25.41 0.90 8.98
CA ASP B 168 26.31 1.13 10.12
C ASP B 168 26.29 2.59 10.57
N ARG B 169 26.34 3.48 9.60
CA ARG B 169 26.30 4.92 9.84
C ARG B 169 25.02 5.33 10.58
N LEU B 170 23.89 4.74 10.21
CA LEU B 170 22.63 5.05 10.86
C LEU B 170 22.51 4.37 12.21
N MET B 171 23.01 3.14 12.31
CA MET B 171 22.74 2.30 13.47
C MET B 171 23.68 2.52 14.64
N PHE B 172 24.90 2.97 14.37
CA PHE B 172 25.96 2.97 15.38
C PHE B 172 26.58 4.35 15.54
N PRO B 173 26.24 5.07 16.60
CA PRO B 173 26.90 6.35 16.88
C PRO B 173 28.38 6.24 17.22
N THR B 174 28.83 5.11 17.77
CA THR B 174 30.24 4.94 18.08
C THR B 174 30.79 3.67 17.45
N PRO B 175 32.06 3.73 17.04
CA PRO B 175 32.76 2.51 16.62
C PRO B 175 32.88 1.46 17.74
N ARG B 176 32.95 1.86 19.01
CA ARG B 176 33.08 0.85 20.05
C ARG B 176 31.80 0.03 20.22
N GLY B 177 30.65 0.69 20.10
CA GLY B 177 29.37 -0.01 20.09
C GLY B 177 29.23 -0.94 18.89
N ARG B 178 29.63 -0.47 17.72
CA ARG B 178 29.56 -1.30 16.53
C ARG B 178 30.42 -2.54 16.66
N MET B 179 31.65 -2.40 17.12
CA MET B 179 32.55 -3.54 17.16
C MET B 179 32.15 -4.53 18.25
N ALA B 180 31.58 -4.05 19.35
CA ALA B 180 31.02 -4.95 20.34
C ALA B 180 29.91 -5.79 19.71
N TYR B 181 29.03 -5.12 18.94
CA TYR B 181 27.96 -5.82 18.22
C TYR B 181 28.57 -6.84 17.27
N GLU B 182 29.53 -6.41 16.47
CA GLU B 182 30.03 -7.28 15.38
C GLU B 182 30.69 -8.55 15.89
N TRP B 183 31.48 -8.45 16.96
CA TRP B 183 32.14 -9.62 17.51
C TRP B 183 31.15 -10.61 18.15
N LEU B 184 30.15 -10.09 18.84
CA LEU B 184 29.05 -10.92 19.36
C LEU B 184 28.30 -11.67 18.23
N ALA B 185 27.94 -10.94 17.20
CA ALA B 185 27.21 -11.49 16.07
C ALA B 185 28.03 -12.51 15.27
N GLU B 186 29.29 -12.19 14.97
CA GLU B 186 30.19 -13.10 14.25
C GLU B 186 30.45 -14.37 15.06
N GLY B 187 30.43 -14.27 16.38
CA GLY B 187 30.64 -15.43 17.25
C GLY B 187 29.56 -16.50 17.14
N ALA B 188 28.36 -16.08 16.76
CA ALA B 188 27.24 -17.01 16.52
C ALA B 188 27.53 -18.01 15.40
N GLY B 189 28.29 -17.62 14.39
CA GLY B 189 28.57 -18.48 13.25
C GLY B 189 27.32 -18.78 12.44
N ILE B 190 26.43 -17.81 12.35
CA ILE B 190 25.19 -17.94 11.58
C ILE B 190 25.39 -17.38 10.17
N LEU B 191 25.16 -18.20 9.16
CA LEU B 191 25.26 -17.80 7.77
C LEU B 191 23.84 -17.71 7.22
N GLY B 192 23.19 -16.58 7.45
CA GLY B 192 21.80 -16.41 7.04
C GLY B 192 21.62 -16.40 5.54
N SER B 193 20.47 -16.87 5.08
CA SER B 193 20.11 -16.81 3.67
C SER B 193 19.77 -15.38 3.23
N ASP B 194 20.13 -15.04 2.00
CA ASP B 194 19.71 -13.79 1.34
C ASP B 194 18.27 -13.83 0.85
N ALA B 195 17.70 -15.03 0.77
CA ALA B 195 16.37 -15.19 0.18
C ALA B 195 15.26 -14.35 0.82
N PRO B 196 15.13 -14.31 2.14
CA PRO B 196 14.07 -13.51 2.75
C PRO B 196 14.17 -12.03 2.38
N GLY B 197 15.37 -11.44 2.41
CA GLY B 197 15.55 -10.03 2.10
C GLY B 197 15.20 -9.71 0.67
N LEU B 198 15.61 -10.58 -0.25
CA LEU B 198 15.39 -10.35 -1.69
C LEU B 198 13.92 -10.54 -2.07
N ALA B 199 13.26 -11.50 -1.45
CA ALA B 199 11.85 -11.74 -1.74
C ALA B 199 10.97 -10.61 -1.19
N PHE B 200 11.29 -10.10 0.00
CA PHE B 200 10.55 -8.96 0.57
C PHE B 200 10.76 -7.72 -0.29
N LEU B 201 11.97 -7.53 -0.80
CA LEU B 201 12.27 -6.49 -1.79
C LEU B 201 11.36 -6.59 -3.02
N ARG B 202 11.19 -7.81 -3.52
CA ARG B 202 10.35 -8.07 -4.70
C ARG B 202 8.89 -7.78 -4.42
N ASN B 203 8.47 -8.06 -3.19
CA ASN B 203 7.10 -7.82 -2.77
C ASN B 203 6.84 -6.37 -2.37
N GLY B 204 7.79 -5.47 -2.60
CA GLY B 204 7.60 -4.04 -2.38
C GLY B 204 7.77 -3.52 -0.96
N LEU B 205 8.45 -4.28 -0.11
CA LEU B 205 8.64 -3.87 1.28
C LEU B 205 9.26 -2.48 1.40
N TRP B 206 10.24 -2.19 0.57
CA TRP B 206 10.96 -0.91 0.65
C TRP B 206 10.12 0.28 0.17
N ARG B 207 8.93 0.01 -0.36
CA ARG B 207 7.95 1.04 -0.70
C ARG B 207 6.84 1.16 0.36
N LEU B 208 6.79 0.23 1.31
CA LEU B 208 5.69 0.15 2.26
C LEU B 208 5.81 1.16 3.39
N ASP B 209 4.84 2.06 3.46
CA ASP B 209 4.62 2.86 4.64
C ASP B 209 3.46 2.25 5.43
N TYR B 210 3.79 1.61 6.56
CA TYR B 210 2.79 0.99 7.43
C TYR B 210 2.09 1.99 8.36
N THR B 211 2.57 3.23 8.40
CA THR B 211 2.03 4.25 9.29
C THR B 211 0.49 4.36 9.24
N PRO B 212 -0.11 4.45 8.04
CA PRO B 212 -1.57 4.59 7.93
C PRO B 212 -2.39 3.51 8.62
N TYR B 213 -1.81 2.34 8.83
CA TYR B 213 -2.50 1.26 9.53
C TYR B 213 -2.40 1.31 11.07
N LEU B 214 -1.67 2.28 11.60
CA LEU B 214 -1.55 2.45 13.04
C LEU B 214 -2.79 3.13 13.63
N THR B 215 -3.41 2.54 14.64
CA THR B 215 -4.48 3.18 15.42
C THR B 215 -4.19 3.07 16.92
N PRO B 216 -4.78 3.98 17.70
CA PRO B 216 -4.63 3.96 19.16
C PRO B 216 -4.83 2.57 19.74
N GLU B 217 -3.92 2.19 20.63
CA GLU B 217 -3.87 0.83 21.18
C GLU B 217 -4.15 0.89 22.67
N ARG B 218 -5.12 0.07 23.11
CA ARG B 218 -5.56 0.04 24.51
C ARG B 218 -4.68 -0.90 25.33
N ARG B 219 -4.36 -2.07 24.76
CA ARG B 219 -3.35 -2.95 25.35
C ARG B 219 -2.03 -2.18 25.62
N PRO B 220 -1.28 -2.62 26.63
CA PRO B 220 -0.01 -1.97 26.95
C PRO B 220 1.02 -2.11 25.82
N LEU B 221 1.59 -0.99 25.43
CA LEU B 221 2.50 -0.91 24.30
C LEU B 221 3.50 0.19 24.58
N TYR B 222 4.79 -0.16 24.52
CA TYR B 222 5.87 0.79 24.73
C TYR B 222 6.77 0.84 23.51
N VAL B 223 7.24 2.05 23.18
CA VAL B 223 8.24 2.25 22.14
C VAL B 223 9.53 2.69 22.83
N LEU B 224 10.59 1.88 22.71
CA LEU B 224 11.93 2.24 23.19
C LEU B 224 12.83 2.44 21.98
N VAL B 225 13.54 3.55 21.94
CA VAL B 225 14.39 3.86 20.79
C VAL B 225 15.59 4.73 21.19
N GLY B 226 16.71 4.55 20.51
CA GLY B 226 17.86 5.41 20.69
C GLY B 226 17.75 6.67 19.87
N GLU B 227 18.16 7.78 20.47
CA GLU B 227 18.12 9.09 19.84
C GLU B 227 19.01 9.19 18.61
N ARG B 228 20.08 8.42 18.59
CA ARG B 228 21.00 8.38 17.45
C ARG B 228 20.82 7.13 16.57
N ASP B 229 19.69 6.45 16.71
CA ASP B 229 19.30 5.39 15.78
C ASP B 229 18.67 6.04 14.55
N GLY B 230 19.49 6.30 13.54
CA GLY B 230 19.02 6.89 12.30
C GLY B 230 18.15 6.01 11.42
N THR B 231 17.98 4.72 11.76
CA THR B 231 17.03 3.84 11.08
C THR B 231 15.63 3.88 11.69
N SER B 232 15.47 4.60 12.80
CA SER B 232 14.22 4.59 13.55
C SER B 232 13.76 5.94 14.11
N TYR B 233 14.69 6.77 14.55
CA TYR B 233 14.41 8.06 15.18
C TYR B 233 14.77 9.18 14.21
N PRO B 234 14.04 10.30 14.15
CA PRO B 234 12.87 10.60 15.01
C PRO B 234 11.49 10.05 14.58
N TYR B 235 11.41 9.24 13.53
CA TYR B 235 10.10 8.75 13.09
C TYR B 235 9.37 7.92 14.14
N ALA B 236 10.12 7.30 15.06
CA ALA B 236 9.52 6.49 16.11
C ALA B 236 8.58 7.32 17.02
N GLU B 237 8.81 8.63 17.11
CA GLU B 237 7.89 9.57 17.79
C GLU B 237 6.49 9.55 17.16
N GLU B 238 6.41 9.65 15.84
CA GLU B 238 5.15 9.55 15.11
C GLU B 238 4.47 8.18 15.32
N VAL B 239 5.26 7.11 15.32
CA VAL B 239 4.72 5.78 15.57
C VAL B 239 4.06 5.69 16.95
N ALA B 240 4.75 6.22 17.95
CA ALA B 240 4.27 6.19 19.34
C ALA B 240 3.00 7.05 19.47
N SER B 241 3.05 8.25 18.91
CA SER B 241 1.93 9.19 18.96
C SER B 241 0.67 8.61 18.34
N ARG B 242 0.82 7.91 17.20
CA ARG B 242 -0.28 7.29 16.50
C ARG B 242 -0.88 6.11 17.26
N LEU B 243 -0.04 5.42 18.03
CA LEU B 243 -0.49 4.29 18.84
C LEU B 243 -0.98 4.72 20.22
N ARG B 244 -0.82 6.00 20.55
CA ARG B 244 -1.02 6.53 21.91
C ARG B 244 -0.19 5.74 22.94
N ALA B 245 1.05 5.46 22.57
CA ALA B 245 1.94 4.63 23.38
C ALA B 245 3.04 5.50 23.96
N PRO B 246 3.48 5.21 25.18
CA PRO B 246 4.62 5.91 25.77
C PRO B 246 5.92 5.60 25.00
N ILE B 247 6.78 6.60 24.88
CA ILE B 247 8.05 6.46 24.20
C ILE B 247 9.18 6.86 25.14
N ARG B 248 10.26 6.09 25.12
CA ARG B 248 11.46 6.41 25.85
C ARG B 248 12.58 6.50 24.83
N VAL B 249 13.13 7.70 24.70
CA VAL B 249 14.23 8.00 23.81
C VAL B 249 15.53 8.05 24.64
N LEU B 250 16.45 7.14 24.37
CA LEU B 250 17.71 7.07 25.09
C LEU B 250 18.79 7.87 24.38
N PRO B 251 19.38 8.85 25.08
CA PRO B 251 20.46 9.64 24.49
C PRO B 251 21.67 8.78 24.12
N GLU B 252 22.41 9.23 23.10
CA GLU B 252 23.64 8.59 22.63
C GLU B 252 23.52 7.08 22.36
N ALA B 253 22.32 6.63 22.00
CA ALA B 253 22.09 5.23 21.72
C ALA B 253 21.61 5.05 20.27
N GLY B 254 22.08 3.97 19.64
CA GLY B 254 21.72 3.65 18.27
C GLY B 254 20.72 2.51 18.21
N HIS B 255 20.76 1.79 17.09
CA HIS B 255 19.80 0.73 16.83
C HIS B 255 19.90 -0.43 17.83
N TYR B 256 21.12 -0.76 18.22
CA TYR B 256 21.34 -1.75 19.27
C TYR B 256 21.46 -1.00 20.59
N LEU B 257 20.33 -0.45 21.02
CA LEU B 257 20.30 0.58 22.06
C LEU B 257 20.80 0.10 23.42
N TRP B 258 20.60 -1.17 23.71
CA TRP B 258 21.07 -1.78 24.96
C TRP B 258 22.60 -1.96 25.00
N ILE B 259 23.24 -1.97 23.83
CA ILE B 259 24.70 -2.01 23.77
C ILE B 259 25.29 -0.63 24.03
N ASP B 260 24.70 0.39 23.40
CA ASP B 260 25.23 1.74 23.50
C ASP B 260 24.99 2.39 24.87
N ALA B 261 23.88 2.05 25.51
CA ALA B 261 23.45 2.74 26.74
C ALA B 261 22.81 1.73 27.68
N PRO B 262 23.61 0.83 28.24
CA PRO B 262 23.07 -0.28 29.02
C PRO B 262 22.22 0.16 30.24
N GLU B 263 22.61 1.25 30.90
CA GLU B 263 21.97 1.68 32.14
C GLU B 263 20.62 2.33 31.82
N ALA B 264 20.66 3.32 30.93
CA ALA B 264 19.46 3.97 30.44
C ALA B 264 18.46 2.96 29.88
N PHE B 265 18.96 1.94 29.18
CA PHE B 265 18.11 0.88 28.63
C PHE B 265 17.48 -0.01 29.70
N GLU B 266 18.26 -0.36 30.72
CA GLU B 266 17.74 -1.20 31.80
C GLU B 266 16.53 -0.55 32.46
N GLU B 267 16.66 0.74 32.75
CA GLU B 267 15.60 1.54 33.39
C GLU B 267 14.33 1.59 32.51
N ALA B 268 14.50 1.98 31.26
CA ALA B 268 13.39 2.05 30.30
C ALA B 268 12.75 0.68 30.05
N PHE B 269 13.56 -0.36 29.92
CA PHE B 269 13.04 -1.69 29.57
C PHE B 269 12.27 -2.35 30.72
N LYS B 270 12.71 -2.09 31.95
CA LYS B 270 12.03 -2.58 33.16
C LYS B 270 10.69 -1.87 33.35
N GLU B 271 10.67 -0.57 33.11
CA GLU B 271 9.43 0.19 33.15
C GLU B 271 8.40 -0.40 32.16
N ALA B 272 8.85 -0.70 30.94
CA ALA B 272 8.01 -1.25 29.88
C ALA B 272 7.49 -2.63 30.23
N LEU B 273 8.38 -3.46 30.78
CA LEU B 273 8.04 -4.82 31.17
C LEU B 273 7.09 -4.87 32.37
N ALA B 274 7.18 -3.87 33.24
CA ALA B 274 6.32 -3.78 34.42
C ALA B 274 4.90 -3.41 33.99
N ALA B 275 4.80 -2.49 33.04
CA ALA B 275 3.52 -2.08 32.46
C ALA B 275 2.81 -3.20 31.67
N LEU B 276 3.56 -4.17 31.16
CA LEU B 276 3.03 -5.22 30.30
C LEU B 276 2.72 -6.53 31.03
N VAL B 277 3.43 -6.78 32.14
CA VAL B 277 3.34 -8.08 32.81
C VAL B 277 1.98 -8.37 33.47
N PRO B 278 1.28 -7.38 34.04
CA PRO B 278 -0.07 -7.63 34.58
C PRO B 278 -1.00 -8.29 33.55
N ALA B 279 -1.00 -7.76 32.33
CA ALA B 279 -1.87 -8.24 31.25
C ALA B 279 -1.63 -9.69 30.79
N LEU B 280 -0.54 -10.30 31.24
CA LEU B 280 -0.17 -11.66 30.82
C LEU B 280 -0.55 -12.75 31.82
#